data_4R36
#
_entry.id   4R36
#
_cell.length_a   149.051
_cell.length_b   149.051
_cell.length_c   149.051
_cell.angle_alpha   90.00
_cell.angle_beta   90.00
_cell.angle_gamma   90.00
#
_symmetry.space_group_name_H-M   'P 41 3 2'
#
loop_
_entity.id
_entity.type
_entity.pdbx_description
1 polymer 'Putative acyl-[acyl-carrier-protein]--UDP-N-acetylglucosamine O-acyltransferase'
2 non-polymer 2-(2-METHOXYETHOXY)ETHANOL
3 non-polymer 'ACETATE ION'
4 non-polymer 'CALCIUM ION'
5 non-polymer 3,6,9,12,15,18,21,24-OCTAOXAHEXACOSAN-1-OL
6 water water
#
_entity_poly.entity_id   1
_entity_poly.type   'polypeptide(L)'
_entity_poly.pdbx_seq_one_letter_code
;MGSSHHHHHHSSGLVPRGSHMISPLAYIHPEAKIGENVEIAPFVYIDRNVVIGDNNKIMANANILYGSRIGNGNTIFPGA
VIGAIPQDLKFKGEESTAEIGDNNLIRENVTINRGTAAKGRTIVGNNNLLMEGVHVAHDALIGNGCIVGNSTKMAGEIII
DDNAIISANVLMHQFCRVGGYVMIQGGCRFSKDIPPYIIAGREPIAYSGINIIGLRRRGFSNEIIENIHNAYRIIYQSGL
NTSDALTKVEAEVPASPEIEYIVDFIRNSERGIIR
;
_entity_poly.pdbx_strand_id   A,B
#
# COMPACT_ATOMS: atom_id res chain seq x y z
N MET A 21 31.02 -6.73 -17.27
CA MET A 21 29.53 -6.65 -16.93
C MET A 21 28.66 -6.10 -18.05
N ILE A 22 29.08 -4.98 -18.64
CA ILE A 22 28.49 -4.46 -19.84
C ILE A 22 29.24 -5.02 -21.04
N SER A 23 28.62 -5.92 -21.79
CA SER A 23 29.34 -6.51 -22.94
C SER A 23 29.67 -5.45 -24.01
N PRO A 24 30.90 -5.53 -24.57
CA PRO A 24 31.24 -4.66 -25.70
C PRO A 24 30.44 -5.04 -26.96
N LEU A 25 29.76 -6.17 -26.98
CA LEU A 25 28.98 -6.52 -28.18
C LEU A 25 27.48 -6.05 -28.08
N ALA A 26 27.13 -5.38 -26.99
CA ALA A 26 25.87 -4.64 -26.88
C ALA A 26 26.03 -3.34 -27.61
N TYR A 27 24.93 -2.80 -28.11
CA TYR A 27 24.84 -1.46 -28.59
C TYR A 27 24.09 -0.64 -27.54
N ILE A 28 24.76 0.39 -27.01
CA ILE A 28 24.21 1.29 -26.01
C ILE A 28 24.42 2.71 -26.44
N HIS A 29 23.32 3.42 -26.70
CA HIS A 29 23.42 4.79 -27.09
C HIS A 29 24.07 5.63 -25.98
N PRO A 30 25.02 6.52 -26.36
CA PRO A 30 25.74 7.24 -25.34
C PRO A 30 24.84 8.05 -24.41
N GLU A 31 23.65 8.45 -24.81
CA GLU A 31 22.73 9.19 -23.96
C GLU A 31 21.91 8.36 -22.98
N ALA A 32 21.96 7.04 -23.09
CA ALA A 32 21.14 6.15 -22.19
C ALA A 32 21.72 6.31 -20.80
N LYS A 33 20.87 6.42 -19.80
CA LYS A 33 21.27 6.48 -18.40
C LYS A 33 21.13 5.14 -17.81
N ILE A 34 22.24 4.64 -17.28
CA ILE A 34 22.37 3.27 -16.79
C ILE A 34 22.94 3.24 -15.39
N GLY A 35 22.31 2.54 -14.49
CA GLY A 35 22.70 2.55 -13.11
C GLY A 35 23.88 1.63 -12.84
N GLU A 36 24.10 1.34 -11.57
CA GLU A 36 25.22 0.49 -11.11
C GLU A 36 24.89 -0.97 -11.04
N ASN A 37 25.93 -1.79 -11.13
CA ASN A 37 25.81 -3.22 -11.13
C ASN A 37 24.72 -3.68 -12.14
N VAL A 38 24.82 -3.21 -13.35
CA VAL A 38 23.95 -3.62 -14.46
C VAL A 38 24.72 -4.51 -15.38
N GLU A 39 24.22 -5.72 -15.57
CA GLU A 39 24.78 -6.66 -16.51
C GLU A 39 24.01 -6.60 -17.86
N ILE A 40 24.75 -6.40 -18.96
CA ILE A 40 24.23 -6.29 -20.28
C ILE A 40 24.98 -7.26 -21.17
N ALA A 41 24.25 -8.18 -21.75
CA ALA A 41 24.75 -9.18 -22.61
C ALA A 41 24.99 -8.70 -24.06
N PRO A 42 25.68 -9.53 -24.88
CA PRO A 42 25.87 -9.25 -26.31
C PRO A 42 24.53 -9.09 -27.02
N PHE A 43 24.50 -8.20 -28.00
CA PHE A 43 23.41 -8.08 -28.93
C PHE A 43 22.18 -7.44 -28.31
N VAL A 44 22.33 -6.87 -27.12
CA VAL A 44 21.35 -6.00 -26.54
C VAL A 44 21.44 -4.67 -27.24
N TYR A 45 20.28 -4.09 -27.53
CA TYR A 45 20.16 -2.81 -28.17
C TYR A 45 19.46 -1.86 -27.25
N ILE A 46 20.15 -0.81 -26.84
CA ILE A 46 19.63 0.23 -25.93
C ILE A 46 19.74 1.57 -26.61
N ASP A 47 18.58 2.22 -26.75
CA ASP A 47 18.39 3.50 -27.42
C ASP A 47 18.70 4.67 -26.49
N ARG A 48 18.66 5.85 -27.08
CA ARG A 48 18.60 7.09 -26.36
C ARG A 48 17.23 7.27 -25.69
N ASN A 49 17.13 8.22 -24.75
CA ASN A 49 15.91 8.47 -23.97
C ASN A 49 15.47 7.16 -23.29
N VAL A 50 16.45 6.55 -22.65
CA VAL A 50 16.27 5.34 -21.86
C VAL A 50 16.85 5.63 -20.48
N VAL A 51 16.14 5.19 -19.43
CA VAL A 51 16.63 5.15 -18.08
C VAL A 51 16.54 3.74 -17.53
N ILE A 52 17.68 3.25 -17.04
CA ILE A 52 17.82 1.93 -16.42
C ILE A 52 18.46 2.10 -15.05
N GLY A 53 17.82 1.55 -14.04
CA GLY A 53 18.24 1.62 -12.63
C GLY A 53 19.37 0.70 -12.29
N ASP A 54 19.49 0.39 -11.01
CA ASP A 54 20.57 -0.46 -10.52
C ASP A 54 20.24 -1.91 -10.49
N ASN A 55 21.26 -2.73 -10.51
CA ASN A 55 21.12 -4.20 -10.24
C ASN A 55 20.18 -4.89 -11.27
N ASN A 56 20.31 -4.55 -12.54
CA ASN A 56 19.49 -5.13 -13.60
C ASN A 56 20.31 -6.10 -14.37
N LYS A 57 19.66 -7.14 -14.88
CA LYS A 57 20.28 -8.06 -15.78
C LYS A 57 19.51 -8.08 -17.08
N ILE A 58 20.17 -7.74 -18.17
CA ILE A 58 19.56 -7.65 -19.47
C ILE A 58 20.26 -8.65 -20.32
N MET A 59 19.52 -9.70 -20.71
CA MET A 59 20.08 -10.77 -21.43
C MET A 59 20.17 -10.54 -22.91
N ALA A 60 20.83 -11.46 -23.58
CA ALA A 60 21.16 -11.31 -25.00
C ALA A 60 20.00 -11.08 -25.90
N ASN A 61 20.21 -10.21 -26.88
CA ASN A 61 19.25 -9.92 -27.91
C ASN A 61 17.96 -9.26 -27.39
N ALA A 62 17.98 -8.63 -26.24
CA ALA A 62 16.85 -7.87 -25.76
C ALA A 62 16.96 -6.46 -26.34
N ASN A 63 15.83 -5.76 -26.41
CA ASN A 63 15.75 -4.44 -26.99
C ASN A 63 15.07 -3.46 -26.01
N ILE A 64 15.78 -2.39 -25.64
CA ILE A 64 15.27 -1.37 -24.76
C ILE A 64 15.22 -0.07 -25.57
N LEU A 65 14.00 0.31 -25.94
CA LEU A 65 13.82 1.38 -26.92
C LEU A 65 13.45 2.75 -26.31
N TYR A 66 13.58 3.76 -27.16
CA TYR A 66 13.26 5.13 -26.85
C TYR A 66 12.00 5.23 -26.00
N GLY A 67 12.18 5.79 -24.80
CA GLY A 67 11.09 6.02 -23.90
C GLY A 67 10.99 5.03 -22.76
N SER A 68 11.87 4.05 -22.72
CA SER A 68 11.83 3.07 -21.64
C SER A 68 12.37 3.61 -20.35
N ARG A 69 11.73 3.17 -19.26
CA ARG A 69 12.11 3.49 -17.91
C ARG A 69 12.06 2.23 -17.10
N ILE A 70 13.22 1.83 -16.61
CA ILE A 70 13.40 0.62 -15.91
C ILE A 70 13.95 0.90 -14.53
N GLY A 71 13.31 0.30 -13.53
CA GLY A 71 13.72 0.43 -12.13
C GLY A 71 14.92 -0.39 -11.74
N ASN A 72 14.85 -0.94 -10.54
CA ASN A 72 16.00 -1.74 -10.02
C ASN A 72 15.73 -3.23 -9.86
N GLY A 73 16.75 -4.03 -10.01
CA GLY A 73 16.64 -5.43 -9.65
C GLY A 73 15.88 -6.34 -10.66
N ASN A 74 15.64 -5.86 -11.86
CA ASN A 74 14.87 -6.63 -12.85
C ASN A 74 15.76 -7.59 -13.62
N THR A 75 15.15 -8.63 -14.19
CA THR A 75 15.84 -9.42 -15.23
C THR A 75 15.02 -9.43 -16.49
N ILE A 76 15.66 -9.08 -17.58
CA ILE A 76 15.01 -8.94 -18.89
C ILE A 76 15.63 -9.99 -19.75
N PHE A 77 14.79 -10.95 -20.20
CA PHE A 77 15.25 -12.10 -20.89
C PHE A 77 15.45 -11.87 -22.35
N PRO A 78 16.10 -12.83 -23.03
CA PRO A 78 16.35 -12.64 -24.48
C PRO A 78 15.15 -12.37 -25.35
N GLY A 79 15.27 -11.40 -26.25
CA GLY A 79 14.19 -11.14 -27.22
C GLY A 79 13.05 -10.28 -26.68
N ALA A 80 13.04 -9.91 -25.40
CA ALA A 80 12.09 -8.93 -24.92
C ALA A 80 12.27 -7.58 -25.61
N VAL A 81 11.16 -6.89 -25.84
CA VAL A 81 11.21 -5.63 -26.48
C VAL A 81 10.42 -4.65 -25.61
N ILE A 82 11.11 -3.72 -25.00
CA ILE A 82 10.49 -2.68 -24.19
C ILE A 82 10.57 -1.33 -24.87
N GLY A 83 9.42 -0.66 -24.98
CA GLY A 83 9.32 0.69 -25.43
C GLY A 83 9.00 0.95 -26.87
N ALA A 84 8.67 -0.09 -27.64
CA ALA A 84 8.24 0.17 -28.99
C ALA A 84 6.97 1.01 -29.04
N ILE A 85 6.81 1.75 -30.14
CA ILE A 85 5.67 2.58 -30.32
C ILE A 85 4.36 1.76 -30.24
N PRO A 86 3.26 2.40 -29.80
CA PRO A 86 2.00 1.73 -29.75
C PRO A 86 1.61 1.02 -31.04
N GLN A 87 0.89 -0.07 -30.91
CA GLN A 87 0.27 -0.69 -32.02
C GLN A 87 -1.04 0.05 -32.41
N ASP A 88 -1.50 0.95 -31.60
CA ASP A 88 -2.65 1.85 -31.89
C ASP A 88 -2.43 2.77 -33.10
N LEU A 89 -3.24 2.63 -34.13
CA LEU A 89 -3.14 3.51 -35.27
C LEU A 89 -3.53 4.94 -34.96
N LYS A 90 -4.12 5.21 -33.79
CA LYS A 90 -4.32 6.60 -33.36
C LYS A 90 -3.04 7.29 -32.91
N PHE A 91 -1.96 6.53 -32.72
CA PHE A 91 -0.69 7.11 -32.33
C PHE A 91 -0.19 8.01 -33.44
N LYS A 92 0.29 9.21 -33.09
CA LYS A 92 0.79 10.18 -34.09
C LYS A 92 2.17 10.67 -33.73
N GLY A 93 2.99 9.88 -33.04
CA GLY A 93 4.36 10.21 -32.78
C GLY A 93 4.56 11.04 -31.53
N GLU A 94 3.51 11.26 -30.74
CA GLU A 94 3.63 11.91 -29.43
C GLU A 94 4.66 11.24 -28.56
N GLU A 95 5.29 12.02 -27.68
CA GLU A 95 6.17 11.49 -26.63
C GLU A 95 5.40 10.64 -25.60
N SER A 96 6.01 9.54 -25.17
CA SER A 96 5.41 8.67 -24.19
C SER A 96 6.50 7.77 -23.63
N THR A 97 6.18 6.99 -22.58
CA THR A 97 7.07 6.07 -22.01
C THR A 97 6.51 4.63 -21.91
N ALA A 98 7.41 3.71 -21.65
CA ALA A 98 7.12 2.32 -21.25
C ALA A 98 7.95 2.10 -20.05
N GLU A 99 7.33 1.69 -18.94
CA GLU A 99 7.99 1.68 -17.66
C GLU A 99 7.80 0.40 -16.93
N ILE A 100 8.85 -0.08 -16.32
CA ILE A 100 8.74 -1.15 -15.32
C ILE A 100 9.43 -0.69 -14.05
N GLY A 101 8.96 -1.22 -12.93
CA GLY A 101 9.47 -0.90 -11.57
C GLY A 101 10.65 -1.75 -11.19
N ASP A 102 10.55 -2.39 -10.05
CA ASP A 102 11.63 -3.16 -9.45
C ASP A 102 11.34 -4.61 -9.36
N ASN A 103 12.40 -5.40 -9.47
CA ASN A 103 12.36 -6.79 -9.17
C ASN A 103 11.37 -7.56 -10.07
N ASN A 104 11.25 -7.20 -11.34
CA ASN A 104 10.36 -7.94 -12.24
C ASN A 104 11.16 -8.94 -13.01
N LEU A 105 10.46 -9.97 -13.46
CA LEU A 105 10.98 -10.96 -14.35
C LEU A 105 10.26 -10.81 -15.66
N ILE A 106 10.92 -10.27 -16.68
CA ILE A 106 10.39 -9.97 -17.97
C ILE A 106 10.96 -11.03 -18.95
N ARG A 107 10.12 -12.02 -19.28
CA ARG A 107 10.60 -13.22 -19.97
C ARG A 107 10.74 -12.98 -21.47
N GLU A 108 11.22 -14.02 -22.12
CA GLU A 108 11.49 -14.02 -23.53
C GLU A 108 10.38 -13.48 -24.39
N ASN A 109 10.75 -12.60 -25.30
CA ASN A 109 9.83 -12.00 -26.26
C ASN A 109 8.63 -11.28 -25.67
N VAL A 110 8.68 -10.89 -24.41
CA VAL A 110 7.68 -10.01 -23.86
C VAL A 110 7.75 -8.64 -24.55
N THR A 111 6.60 -8.08 -24.87
CA THR A 111 6.54 -6.77 -25.48
C THR A 111 5.81 -5.82 -24.52
N ILE A 112 6.44 -4.67 -24.23
CA ILE A 112 5.80 -3.62 -23.50
C ILE A 112 5.90 -2.33 -24.32
N ASN A 113 4.80 -1.97 -24.97
CA ASN A 113 4.82 -0.80 -25.82
C ASN A 113 4.71 0.46 -24.94
N ARG A 114 5.32 1.57 -25.39
CA ARG A 114 5.09 2.83 -24.78
C ARG A 114 3.71 3.37 -25.01
N GLY A 115 3.42 4.45 -24.30
CA GLY A 115 2.04 5.00 -24.27
C GLY A 115 1.59 5.83 -25.49
N THR A 116 0.34 6.29 -25.44
CA THR A 116 -0.21 7.22 -26.43
C THR A 116 -0.66 8.49 -25.67
N ALA A 117 -1.19 9.47 -26.40
CA ALA A 117 -1.74 10.67 -25.78
C ALA A 117 -2.91 10.39 -24.85
N ALA A 118 -3.55 9.25 -25.00
CA ALA A 118 -4.64 8.86 -24.07
C ALA A 118 -4.24 8.85 -22.61
N LYS A 119 -2.98 8.57 -22.33
CA LYS A 119 -2.41 8.61 -21.01
C LYS A 119 -0.95 9.07 -21.10
N GLY A 120 -0.10 8.32 -21.79
CA GLY A 120 1.26 8.73 -22.04
C GLY A 120 2.32 7.87 -21.47
N ARG A 121 1.91 6.91 -20.64
CA ARG A 121 2.82 6.06 -19.88
C ARG A 121 2.19 4.65 -19.80
N THR A 122 2.90 3.65 -20.30
CA THR A 122 2.59 2.22 -20.06
C THR A 122 3.42 1.90 -18.81
N ILE A 123 2.77 1.38 -17.78
CA ILE A 123 3.41 1.17 -16.49
C ILE A 123 3.18 -0.22 -15.94
N VAL A 124 4.30 -0.89 -15.62
CA VAL A 124 4.35 -2.13 -14.87
C VAL A 124 5.06 -1.83 -13.54
N GLY A 125 4.46 -2.30 -12.42
CA GLY A 125 4.93 -2.08 -11.05
C GLY A 125 6.12 -2.93 -10.64
N ASN A 126 6.01 -3.53 -9.45
CA ASN A 126 7.15 -4.24 -8.87
C ASN A 126 6.84 -5.71 -8.68
N ASN A 127 7.87 -6.56 -8.75
CA ASN A 127 7.74 -7.96 -8.29
C ASN A 127 6.71 -8.73 -9.16
N ASN A 128 6.69 -8.45 -10.44
CA ASN A 128 5.86 -9.20 -11.34
C ASN A 128 6.64 -10.20 -12.10
N LEU A 129 5.95 -11.26 -12.51
CA LEU A 129 6.45 -12.21 -13.51
C LEU A 129 5.58 -12.16 -14.75
N LEU A 130 6.18 -11.74 -15.83
CA LEU A 130 5.53 -11.70 -17.14
C LEU A 130 6.19 -12.77 -17.95
N MET A 131 5.45 -13.86 -18.16
CA MET A 131 5.97 -15.01 -18.85
C MET A 131 6.13 -14.77 -20.35
N GLU A 132 6.79 -15.70 -21.02
CA GLU A 132 7.22 -15.42 -22.42
C GLU A 132 6.07 -15.05 -23.30
N GLY A 133 6.33 -14.10 -24.19
CA GLY A 133 5.41 -13.68 -25.18
C GLY A 133 4.24 -12.79 -24.72
N VAL A 134 4.17 -12.52 -23.44
CA VAL A 134 3.18 -11.60 -22.92
C VAL A 134 3.29 -10.24 -23.59
N HIS A 135 2.14 -9.69 -23.98
CA HIS A 135 2.05 -8.35 -24.55
C HIS A 135 1.38 -7.37 -23.61
N VAL A 136 2.04 -6.23 -23.41
CA VAL A 136 1.44 -5.12 -22.64
C VAL A 136 1.27 -3.88 -23.56
N ALA A 137 0.01 -3.56 -23.84
CA ALA A 137 -0.29 -2.58 -24.82
C ALA A 137 -0.13 -1.19 -24.24
N HIS A 138 -0.10 -0.24 -25.18
CA HIS A 138 -0.05 1.19 -24.80
C HIS A 138 -0.98 1.59 -23.66
N ASP A 139 -0.42 2.33 -22.70
CA ASP A 139 -1.20 2.95 -21.57
C ASP A 139 -1.76 1.95 -20.56
N ALA A 140 -1.39 0.65 -20.71
CA ALA A 140 -1.78 -0.33 -19.75
C ALA A 140 -1.09 -0.11 -18.42
N LEU A 141 -1.71 -0.58 -17.37
CA LEU A 141 -1.23 -0.47 -16.02
C LEU A 141 -1.26 -1.85 -15.35
N ILE A 142 -0.10 -2.35 -14.94
CA ILE A 142 0.03 -3.54 -14.12
C ILE A 142 0.56 -3.10 -12.78
N GLY A 143 -0.05 -3.62 -11.70
CA GLY A 143 0.43 -3.33 -10.33
C GLY A 143 1.65 -4.16 -9.92
N ASN A 144 1.55 -4.75 -8.72
CA ASN A 144 2.66 -5.42 -8.06
C ASN A 144 2.30 -6.81 -7.73
N GLY A 145 3.30 -7.66 -7.74
CA GLY A 145 3.09 -9.02 -7.26
C GLY A 145 2.24 -9.94 -8.17
N CYS A 146 2.11 -9.60 -9.43
CA CYS A 146 1.27 -10.33 -10.42
C CYS A 146 2.08 -11.37 -11.14
N ILE A 147 1.40 -12.40 -11.58
CA ILE A 147 1.97 -13.40 -12.46
C ILE A 147 1.08 -13.43 -13.68
N VAL A 148 1.67 -13.30 -14.84
CA VAL A 148 0.92 -13.28 -16.11
C VAL A 148 1.52 -14.34 -17.02
N GLY A 149 0.70 -15.31 -17.37
CA GLY A 149 1.15 -16.51 -18.06
C GLY A 149 1.44 -16.30 -19.56
N ASN A 150 2.09 -17.31 -20.16
CA ASN A 150 2.60 -17.31 -21.50
C ASN A 150 1.63 -16.73 -22.51
N SER A 151 2.12 -15.68 -23.22
CA SER A 151 1.48 -15.12 -24.39
C SER A 151 0.12 -14.53 -24.04
N THR A 152 -0.10 -14.16 -22.79
CA THR A 152 -1.30 -13.39 -22.50
C THR A 152 -1.20 -11.99 -23.09
N LYS A 153 -2.31 -11.50 -23.62
CA LYS A 153 -2.38 -10.19 -24.31
C LYS A 153 -3.25 -9.20 -23.53
N MET A 154 -2.59 -8.16 -23.06
CA MET A 154 -3.28 -7.06 -22.37
C MET A 154 -3.41 -5.88 -23.28
N ALA A 155 -4.64 -5.56 -23.65
CA ALA A 155 -4.94 -4.56 -24.64
C ALA A 155 -4.80 -3.14 -24.03
N GLY A 156 -5.08 -2.14 -24.85
CA GLY A 156 -4.87 -0.75 -24.48
C GLY A 156 -5.59 -0.35 -23.21
N GLU A 157 -4.88 0.38 -22.36
CA GLU A 157 -5.46 1.06 -21.21
C GLU A 157 -6.16 0.12 -20.22
N ILE A 158 -5.70 -1.11 -20.11
CA ILE A 158 -6.18 -2.00 -19.09
C ILE A 158 -5.52 -1.69 -17.75
N ILE A 159 -6.11 -2.24 -16.69
CA ILE A 159 -5.61 -2.13 -15.37
C ILE A 159 -5.61 -3.49 -14.69
N ILE A 160 -4.47 -3.85 -14.12
CA ILE A 160 -4.37 -5.08 -13.32
C ILE A 160 -3.94 -4.64 -11.91
N ASP A 161 -4.77 -5.01 -10.95
CA ASP A 161 -4.52 -4.69 -9.53
C ASP A 161 -3.46 -5.66 -8.95
N ASP A 162 -2.99 -5.40 -7.75
CA ASP A 162 -1.96 -6.23 -7.19
C ASP A 162 -2.32 -7.69 -6.97
N ASN A 163 -1.34 -8.54 -7.07
CA ASN A 163 -1.45 -9.95 -6.68
C ASN A 163 -2.34 -10.85 -7.54
N ALA A 164 -2.54 -10.50 -8.80
CA ALA A 164 -3.40 -11.26 -9.66
C ALA A 164 -2.56 -12.37 -10.27
N ILE A 165 -3.20 -13.49 -10.56
CA ILE A 165 -2.61 -14.56 -11.30
C ILE A 165 -3.41 -14.82 -12.56
N ILE A 166 -2.78 -14.63 -13.71
CA ILE A 166 -3.44 -14.82 -15.01
C ILE A 166 -2.70 -15.91 -15.72
N SER A 167 -3.41 -16.92 -16.23
CA SER A 167 -2.76 -18.02 -16.90
C SER A 167 -2.43 -17.64 -18.34
N ALA A 168 -2.09 -18.63 -19.12
CA ALA A 168 -1.60 -18.47 -20.45
C ALA A 168 -2.69 -18.23 -21.45
N ASN A 169 -2.31 -17.57 -22.52
CA ASN A 169 -3.22 -17.28 -23.64
C ASN A 169 -4.52 -16.62 -23.26
N VAL A 170 -4.49 -15.75 -22.28
CA VAL A 170 -5.67 -14.99 -21.89
C VAL A 170 -5.78 -13.72 -22.73
N LEU A 171 -6.99 -13.37 -23.10
CA LEU A 171 -7.24 -12.13 -23.89
C LEU A 171 -8.09 -11.20 -23.09
N MET A 172 -7.48 -10.05 -22.78
CA MET A 172 -8.04 -9.04 -21.90
C MET A 172 -8.31 -7.86 -22.82
N HIS A 173 -9.58 -7.61 -23.04
CA HIS A 173 -10.02 -6.54 -23.87
C HIS A 173 -9.65 -5.12 -23.36
N GLN A 174 -9.56 -4.15 -24.28
CA GLN A 174 -9.19 -2.76 -23.89
C GLN A 174 -10.06 -2.19 -22.82
N PHE A 175 -9.46 -1.41 -21.94
CA PHE A 175 -10.15 -0.69 -20.90
C PHE A 175 -10.68 -1.60 -19.75
N CYS A 176 -10.39 -2.88 -19.78
CA CYS A 176 -10.83 -3.74 -18.67
C CYS A 176 -9.95 -3.66 -17.45
N ARG A 177 -10.48 -4.08 -16.32
CA ARG A 177 -9.76 -4.09 -15.08
C ARG A 177 -9.92 -5.44 -14.38
N VAL A 178 -8.80 -5.95 -13.85
CA VAL A 178 -8.73 -7.16 -13.06
C VAL A 178 -8.36 -6.83 -11.61
N GLY A 179 -9.18 -7.31 -10.68
CA GLY A 179 -9.00 -7.06 -9.25
C GLY A 179 -7.94 -7.94 -8.68
N GLY A 180 -7.48 -7.55 -7.48
CA GLY A 180 -6.48 -8.35 -6.80
C GLY A 180 -6.87 -9.74 -6.50
N TYR A 181 -5.88 -10.64 -6.47
CA TYR A 181 -6.02 -12.04 -6.01
C TYR A 181 -6.95 -12.94 -6.89
N VAL A 182 -7.18 -12.51 -8.10
CA VAL A 182 -7.98 -13.25 -9.05
C VAL A 182 -7.11 -14.33 -9.62
N MET A 183 -7.72 -15.44 -10.01
CA MET A 183 -7.06 -16.36 -10.87
C MET A 183 -7.88 -16.49 -12.12
N ILE A 184 -7.25 -16.21 -13.26
CA ILE A 184 -7.96 -16.32 -14.55
C ILE A 184 -7.39 -17.56 -15.24
N GLN A 185 -8.29 -18.43 -15.67
CA GLN A 185 -7.88 -19.69 -16.24
C GLN A 185 -7.40 -19.54 -17.69
N GLY A 186 -6.57 -20.50 -18.09
CA GLY A 186 -5.86 -20.40 -19.37
C GLY A 186 -6.74 -20.42 -20.57
N GLY A 187 -6.47 -19.54 -21.51
CA GLY A 187 -7.29 -19.47 -22.69
C GLY A 187 -8.57 -18.69 -22.59
N CYS A 188 -8.89 -18.16 -21.40
CA CYS A 188 -10.09 -17.34 -21.28
C CYS A 188 -9.98 -15.98 -21.91
N ARG A 189 -11.12 -15.41 -22.27
CA ARG A 189 -11.16 -14.09 -22.81
C ARG A 189 -12.28 -13.33 -22.17
N PHE A 190 -12.13 -12.01 -22.06
CA PHE A 190 -13.16 -11.25 -21.39
C PHE A 190 -13.15 -9.80 -21.79
N SER A 191 -14.33 -9.18 -21.73
CA SER A 191 -14.43 -7.74 -22.05
C SER A 191 -15.24 -6.96 -20.99
N LYS A 192 -15.29 -7.53 -19.78
CA LYS A 192 -15.83 -6.87 -18.60
C LYS A 192 -14.81 -6.94 -17.52
N ASP A 193 -15.06 -6.27 -16.40
CA ASP A 193 -14.14 -6.29 -15.30
C ASP A 193 -14.24 -7.61 -14.49
N ILE A 194 -13.13 -8.00 -13.87
CA ILE A 194 -13.09 -9.18 -13.00
C ILE A 194 -12.86 -8.77 -11.57
N PRO A 195 -13.86 -9.01 -10.70
CA PRO A 195 -13.75 -8.47 -9.34
C PRO A 195 -12.77 -9.28 -8.50
N PRO A 196 -12.33 -8.70 -7.36
CA PRO A 196 -11.19 -9.30 -6.62
C PRO A 196 -11.46 -10.63 -5.97
N TYR A 197 -10.43 -11.45 -5.83
CA TYR A 197 -10.46 -12.71 -5.10
C TYR A 197 -11.10 -13.93 -5.84
N ILE A 198 -11.65 -13.74 -7.05
CA ILE A 198 -12.38 -14.83 -7.70
C ILE A 198 -11.53 -15.65 -8.67
N ILE A 199 -12.03 -16.83 -8.98
CA ILE A 199 -11.60 -17.59 -10.13
C ILE A 199 -12.51 -17.28 -11.29
N ALA A 200 -11.93 -16.95 -12.45
CA ALA A 200 -12.68 -16.72 -13.66
C ALA A 200 -12.23 -17.75 -14.66
N GLY A 201 -13.20 -18.47 -15.20
CA GLY A 201 -12.92 -19.54 -16.15
C GLY A 201 -14.07 -19.87 -17.06
N ARG A 202 -13.87 -20.90 -17.90
CA ARG A 202 -14.83 -21.34 -18.91
C ARG A 202 -14.94 -20.43 -20.13
N GLU A 203 -15.69 -20.92 -21.10
CA GLU A 203 -16.13 -20.10 -22.22
C GLU A 203 -17.65 -20.19 -22.40
N PRO A 204 -18.34 -19.08 -22.48
CA PRO A 204 -17.85 -17.73 -22.13
C PRO A 204 -17.35 -17.67 -20.67
N ILE A 205 -16.48 -16.71 -20.39
CA ILE A 205 -15.90 -16.61 -19.05
C ILE A 205 -16.98 -16.47 -17.96
N ALA A 206 -16.68 -16.94 -16.76
CA ALA A 206 -17.66 -16.96 -15.67
C ALA A 206 -17.00 -17.02 -14.37
N TYR A 207 -17.64 -16.37 -13.40
CA TYR A 207 -17.31 -16.60 -12.01
C TYR A 207 -17.37 -18.05 -11.66
N SER A 208 -16.31 -18.60 -11.07
CA SER A 208 -16.15 -20.06 -10.90
C SER A 208 -15.71 -20.33 -9.46
N GLY A 209 -16.14 -19.47 -8.54
CA GLY A 209 -15.86 -19.60 -7.13
C GLY A 209 -14.74 -18.71 -6.71
N ILE A 210 -14.24 -18.94 -5.51
CA ILE A 210 -13.14 -18.12 -4.91
C ILE A 210 -11.80 -18.70 -5.06
N ASN A 211 -10.75 -17.88 -5.17
CA ASN A 211 -9.36 -18.33 -5.27
C ASN A 211 -8.87 -18.79 -3.89
N ILE A 212 -9.46 -19.86 -3.38
CA ILE A 212 -9.21 -20.32 -1.99
C ILE A 212 -7.75 -20.71 -1.87
N ILE A 213 -7.22 -21.37 -2.90
CA ILE A 213 -5.81 -21.81 -2.91
C ILE A 213 -4.88 -20.64 -2.74
N GLY A 214 -5.02 -19.65 -3.60
CA GLY A 214 -4.22 -18.46 -3.51
C GLY A 214 -4.36 -17.72 -2.20
N LEU A 215 -5.61 -17.63 -1.71
CA LEU A 215 -5.79 -16.88 -0.45
C LEU A 215 -5.19 -17.60 0.76
N ARG A 216 -5.41 -18.92 0.81
CA ARG A 216 -4.81 -19.73 1.89
C ARG A 216 -3.29 -19.64 1.82
N ARG A 217 -2.74 -19.88 0.65
CA ARG A 217 -1.31 -19.78 0.45
C ARG A 217 -0.77 -18.44 0.92
N ARG A 218 -1.51 -17.38 0.74
CA ARG A 218 -1.02 -16.11 1.24
C ARG A 218 -1.38 -15.76 2.69
N GLY A 219 -2.01 -16.65 3.44
CA GLY A 219 -2.16 -16.45 4.87
C GLY A 219 -3.45 -15.77 5.32
N PHE A 220 -4.43 -15.66 4.43
CA PHE A 220 -5.70 -15.05 4.79
C PHE A 220 -6.39 -16.03 5.74
N SER A 221 -7.09 -15.49 6.71
CA SER A 221 -7.75 -16.35 7.70
C SER A 221 -8.92 -17.09 7.06
N ASN A 222 -9.23 -18.24 7.59
CA ASN A 222 -10.38 -19.00 7.08
C ASN A 222 -11.66 -18.24 7.21
N GLU A 223 -11.72 -17.44 8.27
CA GLU A 223 -12.85 -16.60 8.48
C GLU A 223 -13.04 -15.50 7.41
N ILE A 224 -11.96 -14.82 7.05
CA ILE A 224 -12.00 -13.81 6.00
C ILE A 224 -12.31 -14.48 4.65
N ILE A 225 -11.74 -15.67 4.41
CA ILE A 225 -12.05 -16.42 3.21
C ILE A 225 -13.54 -16.76 3.11
N GLU A 226 -14.13 -17.19 4.22
CA GLU A 226 -15.53 -17.49 4.25
C GLU A 226 -16.39 -16.21 4.00
N ASN A 227 -15.96 -15.06 4.51
CA ASN A 227 -16.68 -13.83 4.27
C ASN A 227 -16.67 -13.44 2.79
N ILE A 228 -15.52 -13.61 2.17
CA ILE A 228 -15.36 -13.30 0.77
C ILE A 228 -16.30 -14.23 -0.01
N HIS A 229 -16.32 -15.50 0.41
CA HIS A 229 -17.16 -16.46 -0.27
C HIS A 229 -18.62 -16.08 -0.18
N ASN A 230 -19.04 -15.71 1.03
CA ASN A 230 -20.38 -15.24 1.25
C ASN A 230 -20.76 -13.98 0.50
N ALA A 231 -19.82 -13.02 0.40
CA ALA A 231 -20.13 -11.86 -0.42
C ALA A 231 -20.42 -12.26 -1.90
N TYR A 232 -19.62 -13.17 -2.44
CA TYR A 232 -19.85 -13.59 -3.82
C TYR A 232 -21.03 -14.50 -4.05
N ARG A 233 -21.43 -15.25 -3.05
CA ARG A 233 -22.76 -15.92 -3.08
C ARG A 233 -23.88 -14.95 -3.18
N ILE A 234 -23.81 -13.84 -2.43
CA ILE A 234 -24.78 -12.81 -2.55
C ILE A 234 -24.72 -12.17 -3.92
N ILE A 235 -23.52 -11.86 -4.41
CA ILE A 235 -23.40 -11.13 -5.65
C ILE A 235 -23.83 -11.96 -6.87
N TYR A 236 -23.41 -13.20 -6.93
CA TYR A 236 -23.58 -13.98 -8.12
C TYR A 236 -24.71 -15.00 -8.00
N GLN A 237 -25.06 -15.45 -6.80
CA GLN A 237 -25.93 -16.65 -6.67
C GLN A 237 -27.23 -16.37 -5.91
N SER A 238 -27.65 -15.13 -5.77
CA SER A 238 -28.83 -14.86 -4.98
C SER A 238 -29.93 -14.21 -5.78
N GLY A 239 -29.72 -14.04 -7.08
CA GLY A 239 -30.72 -13.47 -7.96
C GLY A 239 -30.89 -11.99 -7.79
N LEU A 240 -29.95 -11.31 -7.14
CA LEU A 240 -30.10 -9.88 -6.95
C LEU A 240 -29.37 -9.11 -8.00
N ASN A 241 -29.90 -7.93 -8.30
CA ASN A 241 -29.22 -7.02 -9.21
C ASN A 241 -28.01 -6.49 -8.44
N THR A 242 -27.16 -5.75 -9.11
CA THR A 242 -25.89 -5.32 -8.53
C THR A 242 -26.07 -4.44 -7.31
N SER A 243 -26.92 -3.44 -7.44
CA SER A 243 -27.16 -2.56 -6.33
C SER A 243 -27.65 -3.25 -5.10
N ASP A 244 -28.63 -4.09 -5.28
CA ASP A 244 -29.24 -4.77 -4.14
C ASP A 244 -28.29 -5.73 -3.56
N ALA A 245 -27.45 -6.34 -4.37
CA ALA A 245 -26.51 -7.32 -3.87
C ALA A 245 -25.50 -6.56 -2.98
N LEU A 246 -25.02 -5.43 -3.48
CA LEU A 246 -23.99 -4.74 -2.74
C LEU A 246 -24.55 -4.19 -1.44
N THR A 247 -25.79 -3.72 -1.47
CA THR A 247 -26.49 -3.36 -0.24
C THR A 247 -26.51 -4.49 0.75
N LYS A 248 -26.88 -5.70 0.32
CA LYS A 248 -26.96 -6.80 1.21
C LYS A 248 -25.58 -7.25 1.73
N VAL A 249 -24.57 -7.23 0.87
CA VAL A 249 -23.21 -7.51 1.31
C VAL A 249 -22.80 -6.53 2.44
N GLU A 250 -23.05 -5.25 2.22
CA GLU A 250 -22.74 -4.26 3.24
C GLU A 250 -23.51 -4.49 4.55
N ALA A 251 -24.71 -4.99 4.47
CA ALA A 251 -25.55 -5.22 5.65
C ALA A 251 -25.27 -6.51 6.36
N GLU A 252 -24.84 -7.54 5.65
CA GLU A 252 -24.84 -8.88 6.19
C GLU A 252 -23.50 -9.56 6.29
N VAL A 253 -22.47 -9.08 5.59
CA VAL A 253 -21.16 -9.74 5.64
C VAL A 253 -20.26 -8.96 6.56
N PRO A 254 -19.61 -9.63 7.52
CA PRO A 254 -18.78 -8.92 8.48
C PRO A 254 -17.79 -8.10 7.72
N ALA A 255 -17.75 -6.80 8.05
CA ALA A 255 -16.99 -5.86 7.27
C ALA A 255 -15.46 -6.01 7.52
N SER A 256 -14.69 -5.79 6.47
CA SER A 256 -13.25 -5.85 6.51
C SER A 256 -12.77 -5.17 5.23
N PRO A 257 -11.47 -4.84 5.17
CA PRO A 257 -10.96 -4.16 3.99
C PRO A 257 -11.18 -5.00 2.72
N GLU A 258 -11.17 -6.32 2.86
CA GLU A 258 -11.38 -7.22 1.71
C GLU A 258 -12.80 -7.05 1.17
N ILE A 259 -13.77 -6.99 2.08
CA ILE A 259 -15.17 -6.85 1.68
C ILE A 259 -15.43 -5.47 1.11
N GLU A 260 -14.78 -4.45 1.64
CA GLU A 260 -14.96 -3.14 1.11
C GLU A 260 -14.35 -3.01 -0.26
N TYR A 261 -13.27 -3.73 -0.49
CA TYR A 261 -12.65 -3.71 -1.79
C TYR A 261 -13.57 -4.38 -2.82
N ILE A 262 -14.17 -5.52 -2.46
CA ILE A 262 -15.13 -6.16 -3.38
C ILE A 262 -16.23 -5.19 -3.75
N VAL A 263 -16.81 -4.57 -2.74
CA VAL A 263 -17.95 -3.64 -2.97
C VAL A 263 -17.58 -2.42 -3.80
N ASP A 264 -16.51 -1.76 -3.43
CA ASP A 264 -16.09 -0.58 -4.12
C ASP A 264 -15.74 -0.91 -5.60
N PHE A 265 -14.97 -2.01 -5.78
CA PHE A 265 -14.59 -2.41 -7.10
C PHE A 265 -15.82 -2.59 -8.02
N ILE A 266 -16.83 -3.32 -7.54
CA ILE A 266 -18.01 -3.57 -8.36
C ILE A 266 -18.85 -2.31 -8.54
N ARG A 267 -19.07 -1.62 -7.43
CA ARG A 267 -19.88 -0.43 -7.44
C ARG A 267 -19.33 0.60 -8.44
N ASN A 268 -18.03 0.73 -8.54
CA ASN A 268 -17.48 1.75 -9.46
C ASN A 268 -16.97 1.18 -10.77
N SER A 269 -17.28 -0.07 -11.03
CA SER A 269 -16.81 -0.76 -12.26
C SER A 269 -17.18 0.03 -13.50
N GLU A 270 -16.19 0.35 -14.30
CA GLU A 270 -16.45 1.02 -15.53
C GLU A 270 -17.10 0.21 -16.62
N ARG A 271 -16.74 -1.05 -16.73
CA ARG A 271 -17.35 -1.86 -17.76
C ARG A 271 -18.53 -2.74 -17.35
N GLY A 272 -18.77 -2.83 -16.06
CA GLY A 272 -19.58 -3.90 -15.52
C GLY A 272 -18.68 -5.07 -15.23
N ILE A 273 -19.15 -6.04 -14.45
CA ILE A 273 -18.37 -7.23 -14.15
C ILE A 273 -18.77 -8.43 -14.94
N ILE A 274 -17.90 -9.43 -15.00
CA ILE A 274 -18.20 -10.63 -15.75
C ILE A 274 -19.38 -11.35 -15.03
N ARG A 275 -20.10 -12.17 -15.78
CA ARG A 275 -21.07 -13.14 -15.21
C ARG A 275 -20.43 -14.39 -14.47
N MET B 21 18.63 7.46 41.13
CA MET B 21 17.97 7.50 39.76
C MET B 21 16.81 6.52 39.60
N ILE B 22 17.02 5.30 40.04
CA ILE B 22 15.95 4.35 40.20
C ILE B 22 15.38 4.42 41.62
N SER B 23 14.14 4.90 41.78
CA SER B 23 13.55 4.98 43.11
C SER B 23 13.37 3.63 43.78
N PRO B 24 13.69 3.57 45.07
CA PRO B 24 13.42 2.32 45.81
C PRO B 24 11.93 2.10 46.04
N LEU B 25 11.08 3.07 45.70
CA LEU B 25 9.66 2.89 45.88
C LEU B 25 8.97 2.42 44.59
N ALA B 26 9.75 2.25 43.52
CA ALA B 26 9.30 1.56 42.33
C ALA B 26 9.33 0.09 42.59
N TYR B 27 8.49 -0.67 41.89
CA TYR B 27 8.62 -2.12 41.82
C TYR B 27 9.18 -2.55 40.48
N ILE B 28 10.31 -3.29 40.51
CA ILE B 28 10.98 -3.72 39.31
C ILE B 28 11.25 -5.20 39.38
N HIS B 29 10.61 -5.99 38.52
CA HIS B 29 10.80 -7.41 38.52
C HIS B 29 12.27 -7.71 38.20
N PRO B 30 12.86 -8.64 38.97
CA PRO B 30 14.29 -8.91 38.79
C PRO B 30 14.64 -9.34 37.38
N GLU B 31 13.73 -9.93 36.60
CA GLU B 31 14.04 -10.26 35.22
C GLU B 31 13.96 -9.11 34.20
N ALA B 32 13.45 -7.94 34.58
CA ALA B 32 13.34 -6.82 33.62
C ALA B 32 14.75 -6.39 33.29
N LYS B 33 14.96 -6.07 32.01
CA LYS B 33 16.22 -5.60 31.53
C LYS B 33 16.10 -4.10 31.34
N ILE B 34 16.96 -3.39 32.04
CA ILE B 34 16.92 -1.93 32.09
C ILE B 34 18.27 -1.39 31.73
N GLY B 35 18.31 -0.46 30.78
CA GLY B 35 19.56 0.12 30.31
C GLY B 35 20.14 1.14 31.28
N GLU B 36 21.06 1.96 30.77
CA GLU B 36 21.79 2.93 31.58
C GLU B 36 21.16 4.33 31.59
N ASN B 37 21.42 5.07 32.65
CA ASN B 37 20.86 6.41 32.84
C ASN B 37 19.33 6.44 32.69
N VAL B 38 18.69 5.48 33.36
CA VAL B 38 17.24 5.37 33.40
C VAL B 38 16.77 5.89 34.75
N GLU B 39 15.88 6.87 34.71
CA GLU B 39 15.28 7.39 35.87
C GLU B 39 13.90 6.86 36.03
N ILE B 40 13.64 6.31 37.21
CA ILE B 40 12.38 5.64 37.52
C ILE B 40 11.86 6.18 38.84
N ALA B 41 10.65 6.73 38.80
CA ALA B 41 10.03 7.36 39.94
C ALA B 41 9.33 6.37 40.87
N PRO B 42 8.91 6.82 42.07
CA PRO B 42 8.11 6.01 42.97
C PRO B 42 6.81 5.49 42.28
N PHE B 43 6.39 4.28 42.66
CA PHE B 43 5.12 3.73 42.29
C PHE B 43 5.07 3.32 40.82
N VAL B 44 6.20 3.33 40.14
CA VAL B 44 6.28 2.71 38.83
C VAL B 44 6.31 1.19 39.01
N TYR B 45 5.60 0.49 38.16
CA TYR B 45 5.54 -0.96 38.16
C TYR B 45 6.09 -1.46 36.89
N ILE B 46 7.17 -2.25 36.98
CA ILE B 46 7.81 -2.85 35.85
C ILE B 46 7.84 -4.38 36.04
N ASP B 47 7.23 -5.07 35.08
CA ASP B 47 7.06 -6.51 35.03
C ASP B 47 8.34 -7.22 34.49
N ARG B 48 8.27 -8.53 34.54
CA ARG B 48 9.16 -9.38 33.78
C ARG B 48 8.85 -9.35 32.28
N ASN B 49 9.76 -9.88 31.47
CA ASN B 49 9.68 -9.84 30.00
C ASN B 49 9.47 -8.41 29.52
N VAL B 50 10.30 -7.53 30.07
CA VAL B 50 10.34 -6.12 29.71
C VAL B 50 11.77 -5.81 29.33
N VAL B 51 11.94 -5.05 28.25
CA VAL B 51 13.22 -4.48 27.86
C VAL B 51 13.10 -2.97 27.76
N ILE B 52 13.93 -2.27 28.51
CA ILE B 52 14.04 -0.80 28.52
C ILE B 52 15.46 -0.37 28.20
N GLY B 53 15.58 0.51 27.22
CA GLY B 53 16.82 1.03 26.76
C GLY B 53 17.48 2.07 27.66
N ASP B 54 18.35 2.88 27.08
CA ASP B 54 19.06 3.92 27.81
C ASP B 54 18.35 5.23 27.85
N ASN B 55 18.67 6.04 28.85
CA ASN B 55 18.24 7.44 28.90
C ASN B 55 16.70 7.64 28.84
N ASN B 56 16.00 6.82 29.59
CA ASN B 56 14.54 6.91 29.66
C ASN B 56 14.17 7.56 30.96
N LYS B 57 13.14 8.36 30.95
CA LYS B 57 12.57 8.87 32.17
C LYS B 57 11.17 8.31 32.32
N ILE B 58 10.94 7.56 33.39
CA ILE B 58 9.66 6.93 33.66
C ILE B 58 9.12 7.56 34.94
N MET B 59 8.05 8.35 34.78
CA MET B 59 7.49 9.11 35.88
C MET B 59 6.56 8.29 36.75
N ALA B 60 6.20 8.87 37.87
CA ALA B 60 5.46 8.16 38.92
C ALA B 60 4.18 7.52 38.46
N ASN B 61 3.94 6.32 38.98
CA ASN B 61 2.70 5.62 38.78
C ASN B 61 2.48 5.21 37.32
N ALA B 62 3.53 5.14 36.53
CA ALA B 62 3.44 4.52 35.23
C ALA B 62 3.59 2.99 35.34
N ASN B 63 3.12 2.27 34.31
CA ASN B 63 3.10 0.80 34.33
C ASN B 63 3.69 0.27 33.03
N ILE B 64 4.75 -0.54 33.15
CA ILE B 64 5.43 -1.18 32.01
C ILE B 64 5.29 -2.70 32.15
N LEU B 65 4.43 -3.28 31.33
CA LEU B 65 3.95 -4.61 31.56
C LEU B 65 4.63 -5.62 30.65
N TYR B 66 4.43 -6.88 31.02
CA TYR B 66 4.92 -8.04 30.30
C TYR B 66 4.78 -7.84 28.79
N GLY B 67 5.92 -7.88 28.10
CA GLY B 67 5.99 -7.77 26.65
C GLY B 67 6.39 -6.41 26.13
N SER B 68 6.59 -5.47 27.01
CA SER B 68 7.04 -4.17 26.58
C SER B 68 8.49 -4.17 26.09
N ARG B 69 8.72 -3.37 25.05
CA ARG B 69 10.02 -3.12 24.52
C ARG B 69 10.12 -1.63 24.31
N ILE B 70 11.00 -1.03 25.07
CA ILE B 70 11.21 0.40 25.06
C ILE B 70 12.64 0.71 24.62
N GLY B 71 12.75 1.61 23.66
CA GLY B 71 14.05 2.03 23.17
C GLY B 71 14.78 3.04 24.07
N ASN B 72 15.39 4.05 23.48
CA ASN B 72 16.18 5.05 24.23
C ASN B 72 15.60 6.42 24.22
N GLY B 73 15.81 7.16 25.30
CA GLY B 73 15.55 8.59 25.24
C GLY B 73 14.06 9.01 25.34
N ASN B 74 13.22 8.11 25.80
CA ASN B 74 11.79 8.38 25.93
C ASN B 74 11.45 9.02 27.27
N THR B 75 10.35 9.72 27.36
CA THR B 75 9.76 10.06 28.65
C THR B 75 8.36 9.51 28.72
N ILE B 76 8.07 8.81 29.81
CA ILE B 76 6.83 8.12 30.03
C ILE B 76 6.20 8.74 31.26
N PHE B 77 5.05 9.36 31.04
CA PHE B 77 4.42 10.23 32.02
C PHE B 77 3.54 9.43 32.96
N PRO B 78 3.10 10.05 34.06
CA PRO B 78 2.38 9.30 35.10
C PRO B 78 1.10 8.66 34.57
N GLY B 79 0.89 7.41 34.95
CA GLY B 79 -0.34 6.74 34.64
C GLY B 79 -0.38 6.08 33.31
N ALA B 80 0.62 6.31 32.46
CA ALA B 80 0.72 5.53 31.21
C ALA B 80 0.81 4.04 31.52
N VAL B 81 0.25 3.26 30.62
CA VAL B 81 0.27 1.83 30.75
C VAL B 81 0.69 1.25 29.43
N ILE B 82 1.89 0.71 29.41
CA ILE B 82 2.45 0.08 28.22
C ILE B 82 2.48 -1.44 28.40
N GLY B 83 1.98 -2.13 27.39
CA GLY B 83 2.03 -3.59 27.27
C GLY B 83 0.86 -4.45 27.72
N ALA B 84 -0.23 -3.84 28.20
CA ALA B 84 -1.36 -4.64 28.66
C ALA B 84 -1.84 -5.51 27.50
N ILE B 85 -2.46 -6.62 27.84
CA ILE B 85 -3.00 -7.50 26.85
C ILE B 85 -4.04 -6.79 25.94
N PRO B 86 -4.18 -7.25 24.70
CA PRO B 86 -5.16 -6.68 23.79
C PRO B 86 -6.56 -6.56 24.38
N GLN B 87 -7.34 -5.55 23.95
CA GLN B 87 -8.74 -5.48 24.29
C GLN B 87 -9.56 -6.43 23.37
N ASP B 88 -8.93 -6.94 22.34
CA ASP B 88 -9.53 -7.92 21.41
C ASP B 88 -9.92 -9.22 22.06
N LEU B 89 -11.20 -9.56 22.05
CA LEU B 89 -11.61 -10.84 22.65
C LEU B 89 -11.10 -12.04 21.86
N LYS B 90 -10.55 -11.84 20.67
CA LYS B 90 -9.89 -12.93 19.95
C LYS B 90 -8.51 -13.33 20.56
N PHE B 91 -7.95 -12.49 21.42
CA PHE B 91 -6.70 -12.79 22.11
C PHE B 91 -6.87 -14.02 23.00
N LYS B 92 -5.93 -14.96 22.93
CA LYS B 92 -6.01 -16.21 23.66
C LYS B 92 -4.76 -16.42 24.45
N GLY B 93 -4.02 -15.37 24.81
CA GLY B 93 -2.82 -15.50 25.66
C GLY B 93 -1.54 -15.70 24.88
N GLU B 94 -1.60 -15.65 23.55
CA GLU B 94 -0.39 -15.78 22.76
C GLU B 94 0.66 -14.75 23.19
N GLU B 95 1.92 -15.08 22.95
CA GLU B 95 3.06 -14.17 23.16
C GLU B 95 3.06 -13.00 22.13
N SER B 96 3.30 -11.80 22.61
CA SER B 96 3.33 -10.64 21.72
C SER B 96 4.08 -9.53 22.45
N THR B 97 4.35 -8.43 21.74
CA THR B 97 4.97 -7.28 22.33
C THR B 97 4.19 -5.98 22.11
N ALA B 98 4.58 -4.98 22.90
CA ALA B 98 4.22 -3.59 22.73
C ALA B 98 5.54 -2.86 22.75
N GLU B 99 5.81 -2.14 21.68
CA GLU B 99 7.10 -1.53 21.49
C GLU B 99 7.01 -0.04 21.26
N ILE B 100 7.96 0.71 21.85
CA ILE B 100 8.22 2.08 21.42
C ILE B 100 9.70 2.21 21.16
N GLY B 101 10.04 3.10 20.25
CA GLY B 101 11.42 3.34 19.80
C GLY B 101 12.12 4.33 20.68
N ASP B 102 12.69 5.33 20.02
CA ASP B 102 13.48 6.34 20.67
C ASP B 102 12.88 7.74 20.67
N ASN B 103 13.18 8.46 21.73
CA ASN B 103 12.83 9.85 21.82
C ASN B 103 11.31 10.15 21.73
N ASN B 104 10.48 9.31 22.29
CA ASN B 104 9.07 9.54 22.30
C ASN B 104 8.60 10.16 23.60
N LEU B 105 7.51 10.91 23.52
CA LEU B 105 6.88 11.52 24.66
C LEU B 105 5.52 10.84 24.78
N ILE B 106 5.41 10.00 25.80
CA ILE B 106 4.27 9.18 26.06
C ILE B 106 3.54 9.79 27.27
N ARG B 107 2.47 10.53 27.01
CA ARG B 107 1.84 11.40 28.00
C ARG B 107 0.96 10.60 28.96
N GLU B 108 0.41 11.33 29.89
CA GLU B 108 -0.39 10.76 31.00
C GLU B 108 -1.46 9.84 30.50
N ASN B 109 -1.55 8.65 31.12
CA ASN B 109 -2.61 7.72 30.83
C ASN B 109 -2.73 7.20 29.40
N VAL B 110 -1.69 7.37 28.62
CA VAL B 110 -1.58 6.70 27.34
C VAL B 110 -1.56 5.17 27.53
N THR B 111 -2.31 4.44 26.72
CA THR B 111 -2.29 2.98 26.73
C THR B 111 -1.76 2.49 25.41
N ILE B 112 -0.80 1.58 25.50
CA ILE B 112 -0.29 0.90 24.31
C ILE B 112 -0.37 -0.58 24.57
N ASN B 113 -1.38 -1.22 24.01
CA ASN B 113 -1.55 -2.64 24.25
C ASN B 113 -0.57 -3.47 23.41
N ARG B 114 -0.18 -4.63 23.89
CA ARG B 114 0.63 -5.55 23.07
C ARG B 114 -0.19 -6.23 22.01
N GLY B 115 0.49 -6.93 21.12
CA GLY B 115 -0.10 -7.49 19.91
C GLY B 115 -0.93 -8.75 20.12
N THR B 116 -1.53 -9.23 19.03
CA THR B 116 -2.19 -10.53 18.99
C THR B 116 -1.49 -11.38 17.93
N ALA B 117 -1.93 -12.62 17.76
CA ALA B 117 -1.43 -13.50 16.71
C ALA B 117 -1.65 -12.94 15.31
N ALA B 118 -2.59 -11.99 15.14
CA ALA B 118 -2.80 -11.36 13.82
C ALA B 118 -1.54 -10.72 13.29
N LYS B 119 -0.69 -10.21 14.17
CA LYS B 119 0.57 -9.66 13.76
C LYS B 119 1.65 -10.02 14.81
N GLY B 120 1.50 -9.59 16.04
CA GLY B 120 2.34 -10.07 17.11
C GLY B 120 3.12 -8.97 17.81
N ARG B 121 3.10 -7.77 17.23
CA ARG B 121 3.83 -6.64 17.73
C ARG B 121 2.98 -5.40 17.51
N THR B 122 2.75 -4.66 18.59
CA THR B 122 2.30 -3.25 18.51
C THR B 122 3.56 -2.39 18.50
N ILE B 123 3.70 -1.51 17.52
CA ILE B 123 4.90 -0.71 17.37
C ILE B 123 4.70 0.77 17.15
N VAL B 124 5.38 1.55 17.98
CA VAL B 124 5.54 2.97 17.86
C VAL B 124 7.02 3.20 17.54
N GLY B 125 7.28 4.02 16.54
CA GLY B 125 8.64 4.41 16.12
C GLY B 125 9.31 5.43 17.04
N ASN B 126 9.87 6.47 16.45
CA ASN B 126 10.71 7.39 17.12
C ASN B 126 10.17 8.78 17.02
N ASN B 127 10.50 9.61 18.00
CA ASN B 127 10.27 11.06 17.90
C ASN B 127 8.80 11.38 17.73
N ASN B 128 7.96 10.58 18.36
CA ASN B 128 6.52 10.87 18.44
C ASN B 128 6.07 11.48 19.75
N LEU B 129 4.98 12.28 19.69
CA LEU B 129 4.28 12.75 20.81
C LEU B 129 2.87 12.15 20.83
N LEU B 130 2.58 11.36 21.85
CA LEU B 130 1.30 10.79 22.08
C LEU B 130 0.72 11.45 23.30
N MET B 131 -0.25 12.33 23.07
CA MET B 131 -0.78 13.20 24.14
C MET B 131 -1.66 12.39 25.05
N GLU B 132 -2.06 12.99 26.16
CA GLU B 132 -2.67 12.23 27.22
C GLU B 132 -3.89 11.46 26.76
N GLY B 133 -4.01 10.23 27.27
CA GLY B 133 -5.19 9.40 27.10
C GLY B 133 -5.26 8.73 25.72
N VAL B 134 -4.29 9.00 24.85
CA VAL B 134 -4.19 8.30 23.57
C VAL B 134 -4.17 6.78 23.85
N HIS B 135 -4.87 6.04 23.01
CA HIS B 135 -4.88 4.59 22.98
C HIS B 135 -4.35 4.02 21.68
N VAL B 136 -3.40 3.10 21.81
CA VAL B 136 -2.81 2.39 20.70
C VAL B 136 -3.17 0.93 20.89
N ALA B 137 -4.04 0.46 20.01
CA ALA B 137 -4.58 -0.88 20.13
C ALA B 137 -3.56 -1.90 19.64
N HIS B 138 -3.88 -3.17 19.95
CA HIS B 138 -3.11 -4.29 19.45
C HIS B 138 -2.73 -4.20 17.99
N ASP B 139 -1.45 -4.46 17.69
CA ASP B 139 -0.94 -4.64 16.32
C ASP B 139 -0.85 -3.37 15.48
N ALA B 140 -1.17 -2.23 16.12
CA ALA B 140 -1.04 -0.99 15.47
C ALA B 140 0.43 -0.71 15.15
N LEU B 141 0.63 0.12 14.16
CA LEU B 141 1.94 0.57 13.75
C LEU B 141 1.92 2.08 13.56
N ILE B 142 2.72 2.77 14.34
CA ILE B 142 2.89 4.19 14.23
C ILE B 142 4.36 4.41 13.80
N GLY B 143 4.60 5.31 12.85
CA GLY B 143 5.98 5.58 12.37
C GLY B 143 6.74 6.53 13.26
N ASN B 144 7.36 7.51 12.62
CA ASN B 144 8.21 8.48 13.25
C ASN B 144 7.72 9.89 13.04
N GLY B 145 8.02 10.74 14.02
CA GLY B 145 7.75 12.13 13.88
C GLY B 145 6.31 12.56 13.94
N CYS B 146 5.46 11.72 14.52
CA CYS B 146 4.02 11.95 14.59
C CYS B 146 3.61 12.67 15.86
N ILE B 147 2.50 13.39 15.77
CA ILE B 147 1.86 14.03 16.89
C ILE B 147 0.42 13.54 16.93
N VAL B 148 0.03 12.95 18.04
CA VAL B 148 -1.32 12.42 18.20
C VAL B 148 -2.00 13.10 19.40
N GLY B 149 -3.12 13.78 19.14
CA GLY B 149 -3.73 14.62 20.16
C GLY B 149 -4.50 13.88 21.25
N ASN B 150 -4.91 14.62 22.26
CA ASN B 150 -5.51 14.08 23.47
C ASN B 150 -6.63 13.07 23.22
N SER B 151 -6.47 11.86 23.81
CA SER B 151 -7.52 10.87 23.87
CA SER B 151 -7.51 10.82 23.88
C SER B 151 -7.92 10.32 22.48
N THR B 152 -7.08 10.52 21.49
CA THR B 152 -7.31 9.84 20.23
C THR B 152 -7.18 8.34 20.37
N LYS B 153 -8.08 7.63 19.72
CA LYS B 153 -8.13 6.18 19.78
C LYS B 153 -7.77 5.55 18.45
N MET B 154 -6.71 4.75 18.49
CA MET B 154 -6.23 4.03 17.33
C MET B 154 -6.56 2.55 17.50
N ALA B 155 -7.41 2.06 16.61
CA ALA B 155 -7.95 0.70 16.73
C ALA B 155 -6.96 -0.34 16.21
N GLY B 156 -7.41 -1.61 16.16
CA GLY B 156 -6.55 -2.69 15.81
C GLY B 156 -5.92 -2.55 14.46
N GLU B 157 -4.63 -2.85 14.37
CA GLU B 157 -3.90 -3.00 13.12
C GLU B 157 -3.95 -1.81 12.24
N ILE B 158 -4.05 -0.64 12.84
CA ILE B 158 -3.92 0.59 12.05
C ILE B 158 -2.46 0.86 11.67
N ILE B 159 -2.27 1.76 10.73
CA ILE B 159 -0.99 2.22 10.33
C ILE B 159 -0.99 3.76 10.22
N ILE B 160 -0.03 4.39 10.87
CA ILE B 160 0.21 5.79 10.71
C ILE B 160 1.62 5.99 10.14
N ASP B 161 1.69 6.57 8.96
CA ASP B 161 2.97 6.83 8.28
C ASP B 161 3.68 7.97 8.99
N ASP B 162 4.95 8.17 8.65
CA ASP B 162 5.72 9.23 9.28
C ASP B 162 5.16 10.61 9.13
N ASN B 163 5.38 11.42 10.16
CA ASN B 163 5.09 12.86 10.10
C ASN B 163 3.62 13.30 10.00
N ALA B 164 2.72 12.47 10.49
CA ALA B 164 1.31 12.80 10.51
C ALA B 164 1.01 13.60 11.79
N ILE B 165 0.02 14.44 11.71
CA ILE B 165 -0.48 15.16 12.88
C ILE B 165 -1.96 14.85 12.99
N ILE B 166 -2.38 14.36 14.17
CA ILE B 166 -3.74 13.97 14.41
C ILE B 166 -4.12 14.78 15.65
N SER B 167 -5.26 15.46 15.60
CA SER B 167 -5.71 16.27 16.67
C SER B 167 -6.41 15.36 17.77
N ALA B 168 -7.10 15.98 18.70
CA ALA B 168 -7.72 15.32 19.83
C ALA B 168 -9.05 14.62 19.52
N ASN B 169 -9.35 13.59 20.30
CA ASN B 169 -10.57 12.86 20.21
C ASN B 169 -10.91 12.34 18.83
N VAL B 170 -9.90 11.96 18.14
CA VAL B 170 -10.08 11.35 16.78
C VAL B 170 -10.31 9.84 16.94
N LEU B 171 -11.25 9.28 16.13
CA LEU B 171 -11.53 7.84 16.16
C LEU B 171 -11.08 7.27 14.81
N MET B 172 -10.06 6.43 14.89
CA MET B 172 -9.45 5.76 13.73
C MET B 172 -9.88 4.31 13.80
N HIS B 173 -10.72 3.87 12.87
CA HIS B 173 -11.21 2.56 12.80
C HIS B 173 -10.15 1.45 12.43
N GLN B 174 -10.41 0.20 12.77
CA GLN B 174 -9.41 -0.91 12.56
C GLN B 174 -8.97 -1.05 11.11
N PHE B 175 -7.69 -1.39 10.92
CA PHE B 175 -6.99 -1.48 9.65
C PHE B 175 -6.80 -0.18 8.91
N CYS B 176 -7.36 0.95 9.33
CA CYS B 176 -7.17 2.14 8.56
C CYS B 176 -5.69 2.58 8.51
N ARG B 177 -5.36 3.29 7.46
CA ARG B 177 -4.02 3.84 7.30
C ARG B 177 -4.10 5.34 7.09
N VAL B 178 -3.15 6.07 7.70
CA VAL B 178 -3.00 7.48 7.55
C VAL B 178 -1.63 7.82 6.94
N GLY B 179 -1.66 8.58 5.88
CA GLY B 179 -0.45 8.96 5.18
C GLY B 179 0.32 10.06 5.88
N GLY B 180 1.56 10.21 5.44
CA GLY B 180 2.36 11.25 6.02
C GLY B 180 1.86 12.67 5.75
N TYR B 181 2.26 13.58 6.63
CA TYR B 181 2.06 15.02 6.49
C TYR B 181 0.57 15.44 6.50
N VAL B 182 -0.31 14.55 6.98
CA VAL B 182 -1.74 14.84 7.02
C VAL B 182 -1.98 15.66 8.26
N MET B 183 -3.06 16.39 8.25
CA MET B 183 -3.61 16.91 9.50
C MET B 183 -5.05 16.46 9.65
N ILE B 184 -5.33 15.76 10.72
CA ILE B 184 -6.71 15.31 10.97
C ILE B 184 -7.29 16.15 12.07
N GLN B 185 -8.43 16.76 11.78
CA GLN B 185 -9.03 17.73 12.68
C GLN B 185 -9.74 17.06 13.85
N GLY B 186 -9.78 17.79 14.98
CA GLY B 186 -10.23 17.20 16.25
C GLY B 186 -11.66 16.71 16.23
N GLY B 187 -11.88 15.58 16.86
CA GLY B 187 -13.21 15.00 16.91
C GLY B 187 -13.68 14.23 15.70
N CYS B 188 -12.88 14.19 14.63
CA CYS B 188 -13.24 13.46 13.43
C CYS B 188 -13.14 11.96 13.65
N ARG B 189 -13.90 11.22 12.84
CA ARG B 189 -13.86 9.79 12.86
C ARG B 189 -13.83 9.29 11.47
N PHE B 190 -13.10 8.21 11.27
CA PHE B 190 -13.00 7.69 9.90
C PHE B 190 -12.80 6.22 9.84
N SER B 191 -13.27 5.62 8.74
CA SER B 191 -13.08 4.18 8.53
C SER B 191 -12.64 3.83 7.12
N LYS B 192 -12.07 4.81 6.46
CA LYS B 192 -11.35 4.63 5.25
C LYS B 192 -9.97 5.20 5.43
N ASP B 193 -9.10 5.02 4.43
CA ASP B 193 -7.71 5.47 4.50
C ASP B 193 -7.64 7.00 4.20
N ILE B 194 -6.66 7.67 4.81
CA ILE B 194 -6.38 9.07 4.58
C ILE B 194 -5.07 9.27 3.86
N PRO B 195 -5.14 9.72 2.61
CA PRO B 195 -3.97 9.77 1.79
C PRO B 195 -3.04 10.95 2.20
N PRO B 196 -1.78 10.88 1.80
CA PRO B 196 -0.76 11.77 2.38
C PRO B 196 -0.95 13.24 1.98
N TYR B 197 -0.44 14.14 2.81
CA TYR B 197 -0.38 15.58 2.57
C TYR B 197 -1.70 16.34 2.74
N ILE B 198 -2.82 15.66 3.03
CA ILE B 198 -4.10 16.35 3.11
C ILE B 198 -4.53 16.74 4.52
N ILE B 199 -5.44 17.71 4.57
CA ILE B 199 -6.24 18.02 5.75
C ILE B 199 -7.57 17.30 5.64
N ALA B 200 -7.94 16.58 6.69
CA ALA B 200 -9.17 15.84 6.76
C ALA B 200 -9.92 16.43 7.95
N GLY B 201 -11.18 16.79 7.70
CA GLY B 201 -12.03 17.37 8.69
C GLY B 201 -13.51 17.20 8.41
N ARG B 202 -14.32 17.79 9.29
CA ARG B 202 -15.80 17.75 9.23
C ARG B 202 -16.42 16.43 9.58
N GLU B 203 -17.73 16.44 9.68
CA GLU B 203 -18.55 15.26 9.89
C GLU B 203 -19.65 15.23 8.82
N PRO B 204 -19.77 14.17 8.02
CA PRO B 204 -18.77 13.11 7.91
C PRO B 204 -17.39 13.65 7.45
N ILE B 205 -16.32 12.91 7.76
CA ILE B 205 -14.96 13.34 7.42
C ILE B 205 -14.77 13.53 5.92
N ALA B 206 -13.94 14.48 5.53
CA ALA B 206 -13.79 14.85 4.14
C ALA B 206 -12.47 15.53 3.92
N TYR B 207 -11.95 15.36 2.70
CA TYR B 207 -10.83 16.15 2.24
C TYR B 207 -11.19 17.64 2.40
N SER B 208 -10.29 18.43 2.95
CA SER B 208 -10.52 19.82 3.22
C SER B 208 -9.32 20.66 2.76
N GLY B 209 -8.61 20.20 1.74
CA GLY B 209 -7.48 20.89 1.13
C GLY B 209 -6.20 20.21 1.52
N ILE B 210 -5.09 20.78 1.10
CA ILE B 210 -3.80 20.24 1.47
C ILE B 210 -3.15 20.97 2.62
N ASN B 211 -2.24 20.28 3.28
CA ASN B 211 -1.55 20.80 4.46
C ASN B 211 -0.40 21.67 4.02
N ILE B 212 -0.72 22.79 3.39
CA ILE B 212 0.27 23.73 2.85
C ILE B 212 1.19 24.26 3.93
N ILE B 213 0.58 24.63 5.05
CA ILE B 213 1.33 25.17 6.14
C ILE B 213 2.40 24.19 6.64
N GLY B 214 1.99 22.97 6.94
CA GLY B 214 2.94 21.95 7.35
C GLY B 214 4.03 21.68 6.34
N LEU B 215 3.65 21.63 5.08
CA LEU B 215 4.62 21.35 4.05
C LEU B 215 5.65 22.49 3.85
N ARG B 216 5.17 23.73 3.85
CA ARG B 216 6.10 24.89 3.85
C ARG B 216 7.02 24.89 5.03
N ARG B 217 6.44 24.78 6.22
CA ARG B 217 7.23 24.72 7.44
C ARG B 217 8.31 23.67 7.34
N ARG B 218 8.02 22.52 6.74
CA ARG B 218 9.05 21.49 6.65
C ARG B 218 9.99 21.63 5.45
N GLY B 219 9.86 22.69 4.67
CA GLY B 219 10.84 22.96 3.64
C GLY B 219 10.54 22.46 2.25
N PHE B 220 9.32 22.01 1.98
CA PHE B 220 8.93 21.56 0.61
C PHE B 220 8.86 22.75 -0.30
N SER B 221 9.26 22.59 -1.56
CA SER B 221 9.22 23.72 -2.52
C SER B 221 7.82 24.10 -2.87
N ASN B 222 7.63 25.36 -3.19
CA ASN B 222 6.30 25.81 -3.60
C ASN B 222 5.77 25.07 -4.83
N GLU B 223 6.69 24.68 -5.67
CA GLU B 223 6.39 23.95 -6.87
C GLU B 223 5.86 22.53 -6.58
N ILE B 224 6.54 21.83 -5.69
CA ILE B 224 6.12 20.51 -5.29
C ILE B 224 4.77 20.61 -4.57
N ILE B 225 4.61 21.64 -3.73
CA ILE B 225 3.35 21.83 -3.06
C ILE B 225 2.24 22.00 -4.08
N GLU B 226 2.49 22.79 -5.11
CA GLU B 226 1.50 23.03 -6.11
C GLU B 226 1.12 21.71 -6.87
N ASN B 227 2.11 20.89 -7.17
CA ASN B 227 1.85 19.60 -7.76
C ASN B 227 1.02 18.67 -6.89
N ILE B 228 1.28 18.65 -5.59
CA ILE B 228 0.50 17.85 -4.64
C ILE B 228 -0.93 18.38 -4.66
N HIS B 229 -1.07 19.71 -4.69
CA HIS B 229 -2.35 20.33 -4.70
C HIS B 229 -3.12 19.88 -5.99
N ASN B 230 -2.45 19.92 -7.16
CA ASN B 230 -3.06 19.53 -8.42
C ASN B 230 -3.46 18.03 -8.44
N ALA B 231 -2.67 17.21 -7.82
CA ALA B 231 -3.02 15.82 -7.74
C ALA B 231 -4.35 15.68 -6.97
N TYR B 232 -4.50 16.40 -5.87
CA TYR B 232 -5.70 16.28 -5.09
C TYR B 232 -6.87 17.03 -5.71
N ARG B 233 -6.64 18.03 -6.54
CA ARG B 233 -7.74 18.61 -7.33
C ARG B 233 -8.31 17.53 -8.23
N ILE B 234 -7.44 16.76 -8.88
CA ILE B 234 -7.88 15.66 -9.70
C ILE B 234 -8.61 14.62 -8.84
N ILE B 235 -8.03 14.23 -7.70
CA ILE B 235 -8.58 13.09 -6.97
C ILE B 235 -9.92 13.45 -6.30
N TYR B 236 -10.01 14.64 -5.74
CA TYR B 236 -11.15 15.03 -4.94
C TYR B 236 -12.11 16.08 -5.54
N GLN B 237 -11.69 16.82 -6.57
CA GLN B 237 -12.48 17.95 -7.00
C GLN B 237 -12.86 17.89 -8.46
N SER B 238 -12.78 16.71 -9.07
CA SER B 238 -13.01 16.60 -10.51
C SER B 238 -14.12 15.62 -10.85
N GLY B 239 -14.79 15.10 -9.84
CA GLY B 239 -15.87 14.18 -10.02
C GLY B 239 -15.43 12.82 -10.57
N LEU B 240 -14.19 12.44 -10.39
CA LEU B 240 -13.67 11.20 -10.91
C LEU B 240 -13.60 10.11 -9.84
N ASN B 241 -13.82 8.87 -10.24
CA ASN B 241 -13.64 7.80 -9.30
C ASN B 241 -12.12 7.63 -9.19
N THR B 242 -11.70 6.83 -8.24
CA THR B 242 -10.33 6.73 -7.83
C THR B 242 -9.42 6.28 -8.95
N SER B 243 -9.79 5.19 -9.62
CA SER B 243 -8.97 4.66 -10.68
C SER B 243 -8.71 5.66 -11.78
N ASP B 244 -9.77 6.32 -12.21
CA ASP B 244 -9.64 7.32 -13.27
C ASP B 244 -8.79 8.52 -12.85
N ALA B 245 -8.92 8.85 -11.60
CA ALA B 245 -8.15 10.03 -11.10
C ALA B 245 -6.69 9.71 -11.06
N LEU B 246 -6.35 8.51 -10.55
CA LEU B 246 -4.97 8.18 -10.49
C LEU B 246 -4.37 8.06 -11.87
N THR B 247 -5.16 7.59 -12.85
CA THR B 247 -4.66 7.61 -14.25
C THR B 247 -4.31 9.00 -14.72
N LYS B 248 -5.17 9.98 -14.43
CA LYS B 248 -4.92 11.33 -14.82
C LYS B 248 -3.74 11.99 -14.08
N VAL B 249 -3.62 11.68 -12.80
CA VAL B 249 -2.50 12.18 -12.00
C VAL B 249 -1.18 11.70 -12.61
N GLU B 250 -1.14 10.40 -12.94
CA GLU B 250 0.02 9.84 -13.59
C GLU B 250 0.32 10.49 -14.93
N ALA B 251 -0.72 10.85 -15.67
CA ALA B 251 -0.52 11.44 -16.99
C ALA B 251 -0.16 12.92 -16.97
N GLU B 252 -0.66 13.68 -15.99
CA GLU B 252 -0.67 15.13 -16.07
C GLU B 252 0.10 15.84 -15.01
N VAL B 253 0.38 15.23 -13.87
CA VAL B 253 1.07 15.97 -12.78
C VAL B 253 2.54 15.68 -12.84
N PRO B 254 3.41 16.73 -12.85
CA PRO B 254 4.83 16.48 -12.92
C PRO B 254 5.23 15.51 -11.84
N ALA B 255 5.95 14.50 -12.23
CA ALA B 255 6.27 13.41 -11.33
C ALA B 255 7.38 13.75 -10.31
N SER B 256 7.27 13.17 -9.12
CA SER B 256 8.28 13.31 -8.08
C SER B 256 7.96 12.25 -7.07
N PRO B 257 8.88 12.02 -6.14
CA PRO B 257 8.60 11.01 -5.12
C PRO B 257 7.30 11.31 -4.31
N GLU B 258 6.99 12.57 -4.12
CA GLU B 258 5.78 12.92 -3.39
C GLU B 258 4.51 12.44 -4.15
N ILE B 259 4.51 12.64 -5.46
CA ILE B 259 3.34 12.28 -6.30
C ILE B 259 3.26 10.77 -6.42
N GLU B 260 4.39 10.10 -6.50
CA GLU B 260 4.38 8.67 -6.50
C GLU B 260 3.87 8.11 -5.17
N TYR B 261 4.15 8.79 -4.06
CA TYR B 261 3.65 8.38 -2.79
C TYR B 261 2.12 8.55 -2.74
N ILE B 262 1.58 9.67 -3.24
CA ILE B 262 0.12 9.81 -3.28
C ILE B 262 -0.45 8.59 -4.07
N VAL B 263 0.06 8.40 -5.25
CA VAL B 263 -0.52 7.34 -6.15
C VAL B 263 -0.41 5.94 -5.55
N ASP B 264 0.78 5.58 -5.08
CA ASP B 264 1.09 4.27 -4.52
C ASP B 264 0.27 4.05 -3.26
N PHE B 265 0.19 5.07 -2.39
CA PHE B 265 -0.67 4.97 -1.23
C PHE B 265 -2.12 4.63 -1.62
N ILE B 266 -2.69 5.40 -2.55
CA ILE B 266 -4.08 5.18 -2.90
C ILE B 266 -4.31 3.86 -3.66
N ARG B 267 -3.48 3.54 -4.66
CA ARG B 267 -3.51 2.18 -5.25
C ARG B 267 -3.39 0.99 -4.32
N ASN B 268 -2.62 1.15 -3.25
CA ASN B 268 -2.46 0.08 -2.31
C ASN B 268 -3.65 -0.05 -1.35
N SER B 269 -4.53 0.95 -1.28
CA SER B 269 -5.67 0.91 -0.38
C SER B 269 -6.80 0.01 -0.99
N GLU B 270 -7.03 -1.13 -0.42
CA GLU B 270 -8.16 -1.94 -0.95
C GLU B 270 -9.53 -1.37 -0.50
N ARG B 271 -9.61 -0.95 0.74
CA ARG B 271 -10.77 -0.31 1.32
C ARG B 271 -11.26 0.94 0.59
N GLY B 272 -10.29 1.72 0.16
CA GLY B 272 -10.53 3.06 -0.42
C GLY B 272 -10.21 4.18 0.54
N ILE B 273 -10.23 5.38 0.00
CA ILE B 273 -9.90 6.55 0.77
C ILE B 273 -11.16 7.28 1.24
N ILE B 274 -11.00 8.22 2.18
CA ILE B 274 -12.09 9.05 2.60
C ILE B 274 -12.61 9.89 1.45
N ARG B 275 -13.93 10.06 1.45
CA ARG B 275 -14.69 10.76 0.43
C ARG B 275 -15.77 11.47 1.15
#